data_4JAI
#
_entry.id   4JAI
#
_cell.length_a   83.965
_cell.length_b   83.965
_cell.length_c   167.064
_cell.angle_alpha   90.00
_cell.angle_beta   90.00
_cell.angle_gamma   120.00
#
_symmetry.space_group_name_H-M   'P 61 2 2'
#
loop_
_entity.id
_entity.type
_entity.pdbx_description
1 polymer 'Aurora kinase A'
2 non-polymer N-{4-[(6-oxo-5,6-dihydrobenzo[c][1,8]naphthyridin-1-yl)amino]phenyl}benzamide
3 water water
#
_entity_poly.entity_id   1
_entity_poly.type   'polypeptide(L)'
_entity_poly.pdbx_seq_one_letter_code
;MHHHHHHGGESKKRQWALEDFEIGRPLGKGKFGNVYLAREKQSKFILALKVLFKAQLEKAGVEHQLRREVEIQSHLRHPN
ILRLYGYFHDATRVYLILEYAPLGTVYRELQKLSKFDEQRTATYITELANALSYCHSKRVIHRDIKPENLLLGSAGELKI
ADFGWSVHAPSSRRTTLCGTLDYLPPEMIEGRMHDEKVDLWSLGVLCYEFLVGKPPFEANTYQETYKRISRVEFTFPDFV
TEGARDLISRLLKHNPSQRPMLREVLEHPWITANSSKPSNCQNK
;
_entity_poly.pdbx_strand_id   A
#
loop_
_chem_comp.id
_chem_comp.type
_chem_comp.name
_chem_comp.formula
XU2 non-polymer N-{4-[(6-oxo-5,6-dihydrobenzo[c][1,8]naphthyridin-1-yl)amino]phenyl}benzamide 'C25 H18 N4 O2'
#
# COMPACT_ATOMS: atom_id res chain seq x y z
N ARG A 14 -0.05 -17.49 21.64
CA ARG A 14 0.14 -18.96 21.27
C ARG A 14 1.57 -19.16 20.72
N GLN A 15 2.05 -20.39 20.68
CA GLN A 15 3.42 -20.60 20.25
C GLN A 15 3.54 -21.17 18.83
N TRP A 16 4.31 -20.56 17.93
CA TRP A 16 4.36 -21.09 16.54
C TRP A 16 5.72 -21.70 16.23
N ALA A 17 5.77 -22.45 15.17
CA ALA A 17 6.92 -23.24 14.91
C ALA A 17 6.78 -23.83 13.54
N LEU A 18 7.89 -23.75 12.85
CA LEU A 18 7.94 -24.10 11.45
C LEU A 18 7.16 -25.38 11.34
N GLU A 19 7.41 -26.27 12.23
CA GLU A 19 6.74 -27.48 12.11
C GLU A 19 5.23 -27.39 12.12
N ASP A 20 4.55 -26.26 12.37
CA ASP A 20 3.05 -26.40 12.44
C ASP A 20 2.42 -26.00 11.13
N PHE A 21 3.32 -25.80 10.16
CA PHE A 21 3.00 -25.30 8.87
C PHE A 21 3.55 -26.24 7.81
N GLU A 22 2.75 -26.60 6.80
CA GLU A 22 3.26 -27.28 5.65
C GLU A 22 3.44 -26.07 4.72
N ILE A 23 4.47 -26.04 3.84
CA ILE A 23 4.88 -24.82 3.03
C ILE A 23 4.58 -25.00 1.60
N GLY A 24 4.19 -23.95 0.90
CA GLY A 24 3.50 -24.12 -0.37
C GLY A 24 4.30 -23.61 -1.47
N ARG A 25 3.75 -22.77 -2.34
CA ARG A 25 4.57 -22.34 -3.43
C ARG A 25 4.94 -20.93 -3.22
N PRO A 26 6.10 -20.52 -3.67
CA PRO A 26 6.45 -19.15 -3.59
C PRO A 26 5.47 -18.19 -4.17
N LEU A 27 5.30 -17.07 -3.52
CA LEU A 27 4.57 -16.02 -4.10
C LEU A 27 5.37 -14.79 -4.34
N GLY A 28 6.63 -14.73 -3.90
CA GLY A 28 7.49 -13.56 -4.14
C GLY A 28 8.81 -13.68 -3.44
N LYS A 29 9.86 -13.08 -4.00
CA LYS A 29 11.14 -13.03 -3.31
C LYS A 29 11.47 -11.57 -2.96
N GLY A 30 11.53 -11.22 -1.67
CA GLY A 30 11.85 -9.84 -1.26
C GLY A 30 13.34 -9.55 -1.11
N LYS A 31 13.69 -8.51 -0.35
CA LYS A 31 15.11 -8.16 -0.17
C LYS A 31 15.80 -8.99 0.92
N PHE A 32 15.08 -9.33 2.00
CA PHE A 32 15.68 -9.96 3.18
C PHE A 32 15.27 -11.41 3.16
N GLY A 33 14.22 -11.64 2.36
CA GLY A 33 13.63 -12.97 2.10
C GLY A 33 12.40 -13.22 1.20
N ASN A 34 11.90 -14.47 1.26
CA ASN A 34 10.76 -14.96 0.45
C ASN A 34 9.39 -15.16 1.14
N VAL A 35 8.30 -14.74 0.50
CA VAL A 35 7.00 -15.21 0.98
C VAL A 35 6.39 -16.36 0.27
N TYR A 36 5.79 -17.22 1.05
CA TYR A 36 5.30 -18.56 0.61
C TYR A 36 3.85 -18.77 0.89
N LEU A 37 3.22 -19.66 0.17
CA LEU A 37 1.93 -20.10 0.62
C LEU A 37 2.11 -21.13 1.72
N ALA A 38 1.17 -21.34 2.59
CA ALA A 38 1.39 -22.29 3.66
C ALA A 38 0.10 -22.53 4.44
N ARG A 39 0.14 -23.68 5.03
CA ARG A 39 -1.01 -24.08 5.77
C ARG A 39 -0.58 -24.59 7.13
N GLU A 40 -1.43 -24.26 8.06
CA GLU A 40 -1.28 -24.69 9.41
C GLU A 40 -1.67 -26.11 9.42
N LYS A 41 -0.73 -26.99 9.71
CA LYS A 41 -1.09 -28.38 9.85
C LYS A 41 -2.30 -28.57 10.75
N GLN A 42 -2.49 -27.84 11.80
CA GLN A 42 -3.63 -28.08 12.66
C GLN A 42 -5.01 -27.70 12.24
N SER A 43 -5.24 -26.59 11.59
CA SER A 43 -6.59 -26.30 11.15
C SER A 43 -6.71 -26.41 9.66
N LYS A 44 -5.55 -26.45 9.02
CA LYS A 44 -5.57 -26.55 7.59
C LYS A 44 -5.79 -25.13 7.10
N PHE A 45 -5.32 -24.14 7.86
CA PHE A 45 -5.72 -22.78 7.60
C PHE A 45 -4.76 -22.23 6.60
N ILE A 46 -5.23 -21.63 5.48
CA ILE A 46 -4.31 -21.29 4.43
C ILE A 46 -3.81 -19.95 4.76
N LEU A 47 -2.49 -19.72 4.72
CA LEU A 47 -2.10 -18.35 4.73
C LEU A 47 -0.82 -18.24 4.18
N ALA A 48 -0.28 -17.05 4.22
CA ALA A 48 1.08 -16.74 3.86
C ALA A 48 2.16 -16.62 4.91
N LEU A 49 3.32 -17.12 4.55
CA LEU A 49 4.45 -17.08 5.42
C LEU A 49 5.50 -16.25 4.88
N LYS A 50 6.28 -15.49 5.63
CA LYS A 50 7.25 -14.57 5.01
C LYS A 50 8.52 -14.75 5.73
N VAL A 51 9.60 -14.95 5.00
CA VAL A 51 10.83 -15.48 5.65
C VAL A 51 11.97 -14.54 5.54
N LEU A 52 12.53 -14.18 6.70
CA LEU A 52 13.63 -13.22 6.81
C LEU A 52 14.85 -13.87 7.34
N PHE A 53 15.93 -13.23 7.02
CA PHE A 53 17.12 -13.77 7.58
C PHE A 53 17.66 -12.79 8.64
N LYS A 54 17.60 -13.21 9.91
CA LYS A 54 18.15 -12.33 10.93
C LYS A 54 19.38 -11.78 10.21
N ALA A 55 20.29 -12.71 9.90
CA ALA A 55 21.44 -12.35 9.12
C ALA A 55 21.07 -11.00 8.35
N GLN A 56 20.64 -11.04 7.08
CA GLN A 56 20.57 -9.82 6.23
C GLN A 56 19.84 -8.68 6.86
N LEU A 57 19.28 -8.95 8.00
CA LEU A 57 18.43 -7.98 8.59
C LEU A 57 19.29 -6.99 9.28
N GLU A 58 20.28 -7.62 9.96
CA GLU A 58 21.36 -7.04 10.76
C GLU A 58 22.05 -6.10 9.79
N LYS A 59 22.83 -6.67 8.88
CA LYS A 59 23.63 -5.88 7.96
C LYS A 59 22.88 -4.76 7.28
N ALA A 60 21.60 -4.69 7.44
CA ALA A 60 20.92 -3.57 6.84
C ALA A 60 20.34 -2.88 8.04
N GLY A 61 20.79 -3.38 9.19
CA GLY A 61 20.32 -2.93 10.48
C GLY A 61 18.93 -2.43 10.27
N VAL A 62 17.98 -3.35 10.36
CA VAL A 62 16.65 -2.91 10.06
C VAL A 62 15.74 -3.48 11.11
N GLU A 63 16.35 -4.33 11.94
CA GLU A 63 15.64 -5.10 12.97
C GLU A 63 14.87 -4.17 13.86
N HIS A 64 15.42 -2.99 13.96
CA HIS A 64 14.74 -1.91 14.57
C HIS A 64 13.43 -1.59 13.77
N GLN A 65 13.48 -1.57 12.42
CA GLN A 65 12.32 -1.07 11.62
C GLN A 65 11.21 -2.09 11.73
N LEU A 66 11.66 -3.32 11.81
CA LEU A 66 10.83 -4.45 12.00
C LEU A 66 10.12 -4.38 13.31
N ARG A 67 10.73 -5.01 14.29
CA ARG A 67 10.15 -5.15 15.61
C ARG A 67 9.12 -4.08 15.90
N ARG A 68 9.29 -2.90 15.37
CA ARG A 68 8.27 -1.87 15.49
C ARG A 68 7.09 -2.28 14.66
N GLU A 69 7.20 -2.17 13.33
CA GLU A 69 6.05 -2.35 12.44
C GLU A 69 5.32 -3.63 12.80
N VAL A 70 6.05 -4.69 13.16
CA VAL A 70 5.41 -5.90 13.55
C VAL A 70 4.41 -5.64 14.60
N GLU A 71 4.91 -5.22 15.74
CA GLU A 71 4.07 -4.71 16.82
C GLU A 71 2.84 -4.01 16.28
N ILE A 72 3.06 -2.78 15.88
CA ILE A 72 2.06 -2.01 15.20
C ILE A 72 1.11 -2.97 14.51
N GLN A 73 1.55 -3.54 13.40
CA GLN A 73 0.66 -4.38 12.64
C GLN A 73 -0.04 -5.22 13.56
N SER A 74 0.65 -6.12 14.24
CA SER A 74 -0.02 -7.07 15.16
C SER A 74 -1.34 -6.56 15.74
N HIS A 75 -1.38 -5.25 16.02
CA HIS A 75 -2.55 -4.66 16.65
C HIS A 75 -3.67 -4.38 15.76
N LEU A 76 -3.38 -3.92 14.55
CA LEU A 76 -4.40 -3.38 13.69
C LEU A 76 -5.46 -4.36 13.20
N ARG A 77 -6.70 -3.96 13.10
CA ARG A 77 -7.54 -4.89 12.49
C ARG A 77 -8.51 -4.21 11.58
N HIS A 78 -8.44 -4.44 10.28
CA HIS A 78 -9.33 -3.78 9.34
C HIS A 78 -9.32 -4.74 8.18
N PRO A 79 -10.51 -4.91 7.53
CA PRO A 79 -10.84 -5.69 6.40
C PRO A 79 -9.98 -5.39 5.21
N ASN A 80 -9.62 -4.09 5.05
CA ASN A 80 -8.73 -3.70 4.05
C ASN A 80 -7.39 -3.59 4.34
N ILE A 81 -6.90 -4.08 5.44
CA ILE A 81 -5.48 -4.05 5.66
C ILE A 81 -4.93 -5.39 5.92
N LEU A 82 -3.91 -5.81 5.34
CA LEU A 82 -3.60 -7.18 5.54
C LEU A 82 -3.20 -7.58 6.94
N ARG A 83 -3.76 -8.63 7.45
CA ARG A 83 -3.48 -9.06 8.74
C ARG A 83 -2.19 -9.76 9.07
N LEU A 84 -1.63 -9.39 10.19
CA LEU A 84 -0.53 -10.14 10.64
C LEU A 84 -0.82 -10.89 11.85
N TYR A 85 -0.77 -12.17 11.64
CA TYR A 85 -1.32 -13.11 12.58
C TYR A 85 -0.31 -13.30 13.67
N GLY A 86 0.76 -14.02 13.37
CA GLY A 86 1.81 -14.37 14.29
C GLY A 86 3.16 -13.93 13.80
N TYR A 87 4.23 -14.37 14.46
CA TYR A 87 5.66 -14.13 14.10
C TYR A 87 6.43 -15.00 15.02
N PHE A 88 7.46 -15.64 14.54
CA PHE A 88 8.17 -16.62 15.30
C PHE A 88 9.53 -16.64 14.68
N HIS A 89 10.50 -17.34 15.25
CA HIS A 89 11.89 -17.16 14.85
C HIS A 89 12.57 -18.46 15.20
N ASP A 90 13.74 -18.62 14.66
CA ASP A 90 14.53 -19.75 14.98
C ASP A 90 15.98 -19.30 14.95
N ALA A 91 16.87 -20.31 14.82
CA ALA A 91 18.31 -20.12 14.60
C ALA A 91 18.57 -18.79 13.89
N THR A 92 18.04 -18.62 12.69
CA THR A 92 18.72 -17.70 11.83
C THR A 92 17.90 -16.93 10.86
N ARG A 93 16.57 -17.11 10.94
CA ARG A 93 15.59 -16.29 10.19
C ARG A 93 14.38 -16.06 11.09
N VAL A 94 13.64 -15.03 10.72
CA VAL A 94 12.40 -14.70 11.33
C VAL A 94 11.27 -15.19 10.39
N TYR A 95 10.18 -15.59 11.00
CA TYR A 95 8.99 -15.95 10.29
C TYR A 95 7.86 -15.00 10.49
N LEU A 96 7.20 -14.60 9.43
CA LEU A 96 6.03 -13.83 9.67
C LEU A 96 4.81 -14.44 9.11
N ILE A 97 3.87 -14.85 9.92
CA ILE A 97 2.61 -15.38 9.44
C ILE A 97 1.60 -14.34 8.97
N LEU A 98 1.14 -14.47 7.79
CA LEU A 98 0.26 -13.47 7.43
C LEU A 98 -0.97 -13.94 6.66
N GLU A 99 -2.07 -13.22 6.76
CA GLU A 99 -3.22 -13.36 5.85
C GLU A 99 -2.85 -13.79 4.48
N TYR A 100 -3.55 -14.67 3.72
CA TYR A 100 -3.12 -14.84 2.29
C TYR A 100 -4.06 -14.04 1.41
N ALA A 101 -3.55 -13.40 0.38
CA ALA A 101 -4.38 -12.58 -0.51
C ALA A 101 -4.27 -13.29 -1.82
N PRO A 102 -5.16 -14.23 -2.04
CA PRO A 102 -5.40 -14.95 -3.27
C PRO A 102 -5.34 -14.27 -4.55
N LEU A 103 -5.77 -13.02 -4.60
CA LEU A 103 -5.85 -12.42 -5.96
C LEU A 103 -4.62 -11.68 -6.40
N GLY A 104 -3.62 -11.65 -5.50
CA GLY A 104 -2.28 -11.03 -5.74
C GLY A 104 -2.22 -9.50 -5.60
N THR A 105 -1.43 -8.78 -6.39
CA THR A 105 -1.12 -7.38 -6.07
C THR A 105 -1.74 -6.56 -7.07
N VAL A 106 -2.07 -5.36 -6.70
CA VAL A 106 -2.56 -4.41 -7.64
C VAL A 106 -1.62 -4.04 -8.65
N TYR A 107 -0.41 -4.09 -8.33
CA TYR A 107 0.64 -4.02 -9.34
C TYR A 107 0.56 -5.03 -10.55
N ARG A 108 0.41 -6.35 -10.39
CA ARG A 108 0.16 -7.12 -11.53
C ARG A 108 -1.15 -6.76 -12.11
N GLU A 109 -2.19 -6.55 -11.34
CA GLU A 109 -3.46 -6.24 -11.97
C GLU A 109 -3.19 -5.09 -12.92
N LEU A 110 -2.48 -4.07 -12.51
CA LEU A 110 -2.20 -3.01 -13.43
C LEU A 110 -1.46 -3.41 -14.68
N GLN A 111 -0.45 -4.28 -14.54
CA GLN A 111 0.49 -4.52 -15.61
C GLN A 111 -0.35 -5.12 -16.61
N LYS A 112 -1.25 -5.96 -16.13
CA LYS A 112 -2.14 -6.78 -16.98
C LYS A 112 -3.21 -5.92 -17.71
N LEU A 113 -4.04 -5.14 -17.02
CA LEU A 113 -4.95 -4.30 -17.77
C LEU A 113 -4.39 -2.97 -18.15
N SER A 114 -3.12 -2.79 -17.99
CA SER A 114 -2.51 -1.48 -18.12
C SER A 114 -3.21 -0.30 -17.56
N LYS A 115 -4.43 -0.41 -17.15
CA LYS A 115 -5.11 0.79 -16.78
C LYS A 115 -6.37 0.27 -16.17
N PHE A 116 -6.85 0.98 -15.21
CA PHE A 116 -8.18 0.78 -14.67
C PHE A 116 -9.22 1.87 -15.08
N ASP A 117 -10.46 1.33 -15.17
CA ASP A 117 -11.62 2.15 -15.47
C ASP A 117 -11.90 2.90 -14.20
N GLU A 118 -12.86 3.83 -14.25
CA GLU A 118 -13.15 4.68 -13.08
C GLU A 118 -13.89 4.05 -11.93
N GLN A 119 -14.75 3.08 -12.21
CA GLN A 119 -15.44 2.35 -11.11
C GLN A 119 -14.44 1.58 -10.18
N ARG A 120 -13.62 0.74 -10.83
CA ARG A 120 -12.46 0.11 -10.15
C ARG A 120 -11.53 1.03 -9.34
N THR A 121 -11.24 2.16 -9.94
CA THR A 121 -10.34 3.09 -9.32
C THR A 121 -11.01 3.65 -8.12
N ALA A 122 -12.29 4.00 -8.30
CA ALA A 122 -12.96 4.80 -7.36
C ALA A 122 -13.20 3.94 -6.15
N THR A 123 -13.64 2.76 -6.44
CA THR A 123 -13.79 1.86 -5.38
C THR A 123 -12.49 1.63 -4.52
N TYR A 124 -11.32 1.47 -5.22
CA TYR A 124 -10.02 1.18 -4.60
C TYR A 124 -9.52 2.31 -3.76
N ILE A 125 -9.76 3.46 -4.29
CA ILE A 125 -9.58 4.66 -3.50
C ILE A 125 -10.35 4.70 -2.16
N THR A 126 -11.64 4.46 -2.34
CA THR A 126 -12.54 4.36 -1.22
C THR A 126 -12.01 3.49 -0.04
N GLU A 127 -11.65 2.25 -0.39
CA GLU A 127 -10.89 1.30 0.52
C GLU A 127 -9.67 1.89 1.09
N LEU A 128 -9.01 2.60 0.25
CA LEU A 128 -7.84 3.05 0.78
C LEU A 128 -8.17 4.03 1.84
N ALA A 129 -8.95 5.00 1.37
CA ALA A 129 -9.36 6.05 2.20
C ALA A 129 -9.85 5.51 3.63
N ASN A 130 -10.84 4.60 3.68
CA ASN A 130 -11.19 4.03 4.93
C ASN A 130 -9.99 3.47 5.56
N ALA A 131 -9.13 2.92 4.82
CA ALA A 131 -8.09 2.22 5.56
C ALA A 131 -7.28 3.15 6.23
N LEU A 132 -7.05 4.14 5.42
CA LEU A 132 -6.12 5.15 5.77
C LEU A 132 -6.60 5.91 7.03
N SER A 133 -7.87 6.32 6.94
CA SER A 133 -8.60 6.75 8.08
C SER A 133 -8.45 5.84 9.38
N TYR A 134 -8.85 4.65 9.38
CA TYR A 134 -8.68 4.02 10.57
C TYR A 134 -7.26 4.06 11.06
N CYS A 135 -6.37 3.73 10.12
CA CYS A 135 -4.90 3.60 10.38
C CYS A 135 -4.60 4.94 11.17
N HIS A 136 -5.10 6.10 10.66
CA HIS A 136 -4.95 7.51 11.26
C HIS A 136 -5.57 7.76 12.69
N SER A 137 -6.90 7.82 12.85
CA SER A 137 -7.52 7.38 14.14
C SER A 137 -6.53 6.82 15.21
N LYS A 138 -5.91 5.69 14.92
CA LYS A 138 -5.01 5.02 15.84
C LYS A 138 -3.59 5.57 15.79
N ARG A 139 -3.47 6.68 15.06
CA ARG A 139 -2.30 7.53 15.02
C ARG A 139 -1.15 7.00 14.24
N VAL A 140 -1.37 6.32 13.13
CA VAL A 140 -0.29 5.75 12.37
C VAL A 140 -0.25 6.24 10.92
N ILE A 141 0.89 6.65 10.42
CA ILE A 141 0.83 7.24 9.08
C ILE A 141 1.97 6.92 8.16
N HIS A 142 1.90 7.59 7.02
CA HIS A 142 2.95 7.48 6.06
C HIS A 142 3.40 6.06 5.75
N ARG A 143 2.38 5.27 5.61
CA ARG A 143 2.46 4.18 4.72
C ARG A 143 3.07 4.59 3.27
N ASP A 144 3.82 3.61 2.72
CA ASP A 144 4.22 3.52 1.30
C ASP A 144 3.08 2.90 0.60
N ILE A 145 2.28 3.57 -0.18
CA ILE A 145 1.30 2.74 -0.70
C ILE A 145 1.52 2.71 -2.19
N LYS A 146 2.46 1.93 -2.66
CA LYS A 146 2.77 1.85 -4.04
C LYS A 146 1.81 0.82 -4.48
N PRO A 147 1.57 0.67 -5.73
CA PRO A 147 0.71 -0.41 -6.02
C PRO A 147 1.23 -1.76 -5.71
N GLU A 148 2.52 -1.95 -5.55
CA GLU A 148 2.97 -3.25 -5.23
C GLU A 148 3.00 -3.37 -3.81
N ASN A 149 2.24 -2.55 -3.12
CA ASN A 149 2.03 -2.86 -1.66
C ASN A 149 0.60 -2.90 -1.35
N LEU A 150 -0.26 -2.92 -2.38
CA LEU A 150 -1.65 -3.33 -2.30
C LEU A 150 -1.76 -4.85 -2.89
N LEU A 151 -2.17 -5.77 -2.02
CA LEU A 151 -2.80 -6.93 -2.40
C LEU A 151 -4.33 -6.97 -2.60
N LEU A 152 -4.81 -8.05 -3.23
CA LEU A 152 -6.28 -8.27 -3.46
C LEU A 152 -6.85 -9.49 -2.72
N GLY A 153 -7.98 -9.24 -2.02
CA GLY A 153 -8.71 -10.31 -1.33
C GLY A 153 -9.50 -11.15 -2.29
N SER A 154 -10.00 -12.27 -1.79
CA SER A 154 -10.63 -13.25 -2.60
C SER A 154 -11.72 -12.48 -3.22
N ALA A 155 -12.21 -11.33 -2.69
CA ALA A 155 -13.31 -10.72 -3.48
C ALA A 155 -12.87 -9.67 -4.43
N GLY A 156 -11.57 -9.46 -4.44
CA GLY A 156 -10.96 -8.39 -5.25
C GLY A 156 -11.05 -7.21 -4.40
N GLU A 157 -11.58 -7.48 -3.22
CA GLU A 157 -11.61 -6.52 -2.13
C GLU A 157 -10.20 -6.08 -2.01
N LEU A 158 -10.05 -4.79 -2.08
CA LEU A 158 -8.66 -4.27 -1.79
C LEU A 158 -8.10 -4.47 -0.35
N LYS A 159 -6.95 -3.94 0.05
CA LYS A 159 -6.12 -4.52 1.23
C LYS A 159 -4.67 -4.32 1.20
N ILE A 160 -4.11 -3.99 2.29
CA ILE A 160 -2.93 -3.38 2.19
C ILE A 160 -1.92 -3.84 3.10
N ALA A 161 -0.67 -3.82 2.72
CA ALA A 161 0.35 -4.50 3.31
C ALA A 161 1.62 -3.85 3.12
N ASP A 162 2.10 -2.90 3.92
CA ASP A 162 3.38 -2.25 3.60
C ASP A 162 4.33 -2.25 4.82
N PHE A 163 5.63 -2.46 4.67
CA PHE A 163 6.29 -2.88 5.89
C PHE A 163 7.45 -2.02 6.47
N THR A 180 13.43 5.68 -4.02
CA THR A 180 11.99 5.62 -4.57
C THR A 180 10.63 5.52 -3.64
N LEU A 181 9.73 6.56 -3.67
CA LEU A 181 10.03 7.74 -4.54
C LEU A 181 8.93 8.67 -5.31
N ASP A 182 8.59 8.33 -6.52
CA ASP A 182 7.34 8.90 -7.03
C ASP A 182 6.19 9.01 -6.06
N TYR A 183 5.98 8.11 -5.11
CA TYR A 183 4.90 8.39 -4.23
C TYR A 183 5.16 9.28 -3.03
N LEU A 184 6.38 9.71 -2.74
CA LEU A 184 6.63 10.85 -1.83
C LEU A 184 6.14 12.11 -2.33
N PRO A 185 5.66 12.96 -1.47
CA PRO A 185 5.11 14.30 -1.53
C PRO A 185 6.20 15.35 -1.35
N PRO A 186 5.93 16.61 -1.71
CA PRO A 186 6.76 17.78 -1.77
C PRO A 186 7.35 18.07 -0.49
N GLU A 187 6.55 18.21 0.54
CA GLU A 187 7.18 18.27 1.89
C GLU A 187 8.10 17.12 2.40
N MET A 188 8.55 16.13 1.64
CA MET A 188 9.40 15.10 2.20
C MET A 188 10.66 15.02 1.47
N ILE A 189 10.52 15.07 0.19
CA ILE A 189 11.68 15.18 -0.61
C ILE A 189 12.21 16.52 -0.28
N GLU A 190 11.36 17.55 -0.28
CA GLU A 190 11.88 18.92 -0.04
C GLU A 190 12.27 19.10 1.40
N GLY A 191 12.85 18.01 2.01
CA GLY A 191 13.28 17.87 3.43
C GLY A 191 12.58 18.69 4.55
N ARG A 192 11.25 18.82 4.48
CA ARG A 192 10.50 19.76 5.37
C ARG A 192 9.64 19.00 6.38
N MET A 193 8.50 19.57 6.80
CA MET A 193 7.75 19.02 7.94
C MET A 193 6.46 18.26 7.59
N HIS A 194 6.42 16.92 7.57
CA HIS A 194 5.21 16.25 7.03
C HIS A 194 4.21 15.93 8.13
N ASP A 195 2.91 15.80 7.86
CA ASP A 195 1.99 15.04 8.80
C ASP A 195 1.14 13.98 8.09
N GLU A 196 -0.06 13.77 8.57
CA GLU A 196 -0.91 12.88 7.83
C GLU A 196 -1.62 13.51 6.65
N LYS A 197 -1.52 14.74 6.40
CA LYS A 197 -1.81 15.03 5.04
C LYS A 197 -0.90 14.24 4.00
N VAL A 198 0.27 13.73 4.38
CA VAL A 198 1.09 13.08 3.34
C VAL A 198 0.26 12.04 2.52
N ASP A 199 -0.70 11.53 3.26
CA ASP A 199 -1.45 10.31 3.00
C ASP A 199 -2.49 10.80 1.96
N LEU A 200 -2.93 11.99 2.10
CA LEU A 200 -3.67 12.55 1.02
C LEU A 200 -2.93 12.65 -0.31
N TRP A 201 -1.62 12.96 -0.31
CA TRP A 201 -0.93 13.06 -1.61
C TRP A 201 -0.83 11.62 -2.31
N SER A 202 -0.18 10.68 -1.64
CA SER A 202 -0.20 9.40 -2.09
C SER A 202 -1.49 9.13 -2.70
N LEU A 203 -2.56 9.48 -2.04
CA LEU A 203 -3.78 8.98 -2.56
C LEU A 203 -4.02 9.59 -3.92
N GLY A 204 -3.65 10.86 -4.09
CA GLY A 204 -3.70 11.41 -5.45
C GLY A 204 -2.89 10.71 -6.57
N VAL A 205 -1.72 10.31 -6.17
CA VAL A 205 -0.78 9.67 -7.09
C VAL A 205 -1.38 8.39 -7.52
N LEU A 206 -2.05 7.70 -6.58
CA LEU A 206 -2.59 6.47 -6.81
C LEU A 206 -3.74 6.60 -7.64
N CYS A 207 -4.58 7.51 -7.26
CA CYS A 207 -5.71 7.52 -8.05
C CYS A 207 -5.31 7.84 -9.57
N TYR A 208 -4.20 8.54 -9.78
CA TYR A 208 -3.74 9.03 -11.06
C TYR A 208 -3.20 7.91 -11.84
N GLU A 209 -2.54 7.06 -11.08
CA GLU A 209 -1.77 5.94 -11.60
C GLU A 209 -2.66 4.76 -12.10
N PHE A 210 -3.71 4.54 -11.26
CA PHE A 210 -4.71 3.70 -11.64
C PHE A 210 -5.29 4.12 -12.89
N LEU A 211 -5.66 5.34 -13.01
CA LEU A 211 -6.47 5.66 -14.14
C LEU A 211 -5.73 5.75 -15.37
N VAL A 212 -4.48 6.13 -15.25
CA VAL A 212 -3.67 6.46 -16.42
C VAL A 212 -2.69 5.35 -16.68
N GLY A 213 -2.26 4.69 -15.63
CA GLY A 213 -1.43 3.62 -15.87
C GLY A 213 -0.09 3.86 -15.27
N LYS A 214 0.43 5.05 -15.23
CA LYS A 214 1.72 5.21 -14.63
C LYS A 214 1.65 6.34 -13.65
N PRO A 215 2.67 6.61 -12.84
CA PRO A 215 2.33 7.59 -11.88
C PRO A 215 2.66 8.99 -12.43
N PRO A 216 1.97 9.98 -11.88
CA PRO A 216 1.93 11.18 -12.51
C PRO A 216 3.31 11.93 -12.46
N PHE A 217 4.32 11.42 -11.82
CA PHE A 217 5.56 12.21 -11.84
C PHE A 217 6.70 11.38 -12.31
N GLU A 218 6.42 10.18 -12.85
CA GLU A 218 7.46 9.34 -13.48
C GLU A 218 8.39 10.15 -14.13
N ALA A 219 9.54 9.60 -14.43
CA ALA A 219 10.57 10.36 -15.02
C ALA A 219 11.76 9.47 -14.96
N ASN A 220 12.81 9.79 -15.69
CA ASN A 220 13.84 8.89 -15.95
C ASN A 220 14.88 8.96 -14.92
N THR A 221 15.11 10.07 -14.28
CA THR A 221 16.22 10.02 -13.40
C THR A 221 15.56 10.36 -12.15
N TYR A 222 16.22 10.33 -11.05
CA TYR A 222 15.57 10.55 -9.82
C TYR A 222 15.49 12.01 -9.58
N GLN A 223 16.37 12.70 -10.22
CA GLN A 223 16.43 14.15 -10.09
C GLN A 223 15.44 14.93 -11.04
N GLU A 224 14.82 14.26 -12.03
CA GLU A 224 13.75 14.89 -12.78
C GLU A 224 12.60 14.81 -11.91
N THR A 225 12.60 13.80 -11.01
CA THR A 225 11.40 13.49 -10.25
C THR A 225 11.34 14.33 -9.06
N TYR A 226 12.44 14.51 -8.40
CA TYR A 226 12.47 15.61 -7.51
C TYR A 226 11.76 16.80 -8.25
N LYS A 227 12.38 17.32 -9.32
CA LYS A 227 11.93 18.55 -9.89
C LYS A 227 10.44 18.45 -10.03
N ARG A 228 9.95 17.40 -10.71
CA ARG A 228 8.53 17.30 -11.09
C ARG A 228 7.62 17.43 -9.97
N ILE A 229 8.07 16.90 -8.88
CA ILE A 229 7.28 16.92 -7.69
C ILE A 229 7.26 18.24 -6.92
N SER A 230 8.39 18.81 -6.62
CA SER A 230 8.34 20.21 -6.17
C SER A 230 7.55 21.16 -7.04
N ARG A 231 7.61 21.21 -8.36
CA ARG A 231 6.61 22.02 -9.05
C ARG A 231 5.24 21.36 -9.34
N VAL A 232 5.05 20.17 -8.77
CA VAL A 232 3.86 19.46 -8.95
C VAL A 232 3.57 19.59 -10.38
N GLU A 233 4.46 19.21 -11.21
CA GLU A 233 4.17 19.50 -12.51
C GLU A 233 3.65 18.27 -13.18
N PHE A 234 2.32 18.18 -13.45
CA PHE A 234 1.86 16.99 -14.21
C PHE A 234 0.81 17.22 -15.34
N THR A 235 0.39 16.25 -16.14
CA THR A 235 -0.68 16.60 -17.03
C THR A 235 -1.60 15.46 -17.32
N PHE A 236 -2.92 15.65 -17.44
CA PHE A 236 -3.84 14.52 -17.78
C PHE A 236 -3.92 14.16 -19.18
N PRO A 237 -4.06 12.89 -19.43
CA PRO A 237 -4.36 12.52 -20.78
C PRO A 237 -5.76 12.93 -21.02
N ASP A 238 -6.13 13.07 -22.31
CA ASP A 238 -7.35 13.74 -22.58
C ASP A 238 -8.38 12.72 -22.33
N PHE A 239 -8.10 11.42 -22.12
CA PHE A 239 -9.20 10.54 -21.64
C PHE A 239 -9.54 10.56 -20.18
N VAL A 240 -9.40 11.62 -19.46
CA VAL A 240 -9.61 11.43 -18.07
C VAL A 240 -10.65 12.34 -17.66
N THR A 241 -11.76 11.86 -17.15
CA THR A 241 -12.87 12.75 -16.83
C THR A 241 -12.61 13.91 -15.83
N GLU A 242 -13.45 14.91 -15.98
CA GLU A 242 -13.37 16.07 -15.08
C GLU A 242 -13.36 15.64 -13.62
N GLY A 243 -14.21 14.62 -13.31
CA GLY A 243 -14.52 14.18 -11.92
C GLY A 243 -13.21 13.90 -11.30
N ALA A 244 -12.49 13.15 -12.12
CA ALA A 244 -11.25 12.60 -11.71
C ALA A 244 -10.25 13.65 -11.61
N ARG A 245 -10.26 14.58 -12.56
CA ARG A 245 -9.19 15.63 -12.55
C ARG A 245 -9.42 16.57 -11.49
N ASP A 246 -10.71 16.75 -11.15
CA ASP A 246 -11.00 17.52 -10.00
C ASP A 246 -10.34 16.90 -8.71
N LEU A 247 -10.69 15.62 -8.53
CA LEU A 247 -10.31 14.98 -7.30
C LEU A 247 -8.79 14.99 -7.31
N ILE A 248 -8.26 14.56 -8.39
CA ILE A 248 -6.91 14.30 -8.31
C ILE A 248 -6.28 15.59 -7.93
N SER A 249 -6.86 16.66 -8.40
CA SER A 249 -6.07 17.88 -8.32
C SER A 249 -6.09 18.35 -6.92
N ARG A 250 -7.17 18.04 -6.25
CA ARG A 250 -7.23 18.62 -4.95
C ARG A 250 -6.26 17.84 -4.11
N LEU A 251 -6.11 16.58 -4.39
CA LEU A 251 -5.17 15.83 -3.55
C LEU A 251 -3.65 16.17 -3.73
N LEU A 252 -3.29 16.64 -4.91
CA LEU A 252 -1.91 16.79 -5.34
C LEU A 252 -1.40 18.23 -5.16
N LYS A 253 -1.91 18.95 -4.18
CA LYS A 253 -1.62 20.28 -3.99
C LYS A 253 -0.40 20.34 -3.14
N HIS A 254 0.44 21.34 -3.41
CA HIS A 254 1.72 21.54 -2.66
C HIS A 254 1.59 21.90 -1.20
N ASN A 255 0.61 22.71 -0.93
CA ASN A 255 0.35 23.05 0.41
C ASN A 255 -0.51 22.07 1.01
N PRO A 256 0.11 21.30 1.91
CA PRO A 256 -0.46 20.12 2.64
C PRO A 256 -1.80 20.56 3.08
N SER A 257 -1.85 21.77 3.65
CA SER A 257 -3.09 22.26 4.21
C SER A 257 -4.22 22.37 3.21
N GLN A 258 -3.92 22.67 1.98
CA GLN A 258 -5.05 22.75 1.08
C GLN A 258 -5.74 21.47 0.77
N ARG A 259 -5.05 20.36 0.76
CA ARG A 259 -5.68 19.15 0.41
C ARG A 259 -6.81 18.72 1.38
N PRO A 260 -7.85 18.03 0.85
CA PRO A 260 -8.99 17.57 1.57
C PRO A 260 -8.60 16.82 2.68
N MET A 261 -9.62 16.21 3.30
CA MET A 261 -9.48 15.02 4.16
C MET A 261 -10.39 13.97 3.76
N LEU A 262 -10.21 12.90 4.47
CA LEU A 262 -10.56 11.66 3.90
C LEU A 262 -12.06 11.72 3.64
N ARG A 263 -12.80 12.10 4.67
CA ARG A 263 -14.21 11.81 4.61
C ARG A 263 -14.67 12.76 3.54
N GLU A 264 -13.97 13.86 3.38
CA GLU A 264 -14.18 14.64 2.10
C GLU A 264 -13.97 13.87 0.84
N VAL A 265 -12.78 13.31 0.69
CA VAL A 265 -12.56 12.43 -0.42
C VAL A 265 -13.70 11.45 -0.49
N LEU A 266 -13.95 10.73 0.60
CA LEU A 266 -14.96 9.70 0.41
C LEU A 266 -16.23 10.46 -0.16
N GLU A 267 -16.42 11.68 0.34
CA GLU A 267 -17.63 12.38 0.05
C GLU A 267 -17.55 13.11 -1.36
N HIS A 268 -16.42 13.00 -2.02
CA HIS A 268 -16.34 13.57 -3.32
C HIS A 268 -17.35 12.82 -4.17
N PRO A 269 -17.85 13.47 -5.27
CA PRO A 269 -18.92 12.99 -6.19
C PRO A 269 -18.37 12.08 -7.22
N TRP A 270 -17.21 12.40 -7.71
CA TRP A 270 -16.68 11.51 -8.67
C TRP A 270 -16.70 10.06 -8.19
N ILE A 271 -16.28 9.96 -6.92
CA ILE A 271 -16.33 8.74 -6.10
C ILE A 271 -17.69 8.11 -5.86
N THR A 272 -18.63 8.96 -5.48
CA THR A 272 -19.89 8.42 -5.07
C THR A 272 -20.44 7.99 -6.39
N ALA A 273 -20.38 8.79 -7.40
CA ALA A 273 -20.90 8.31 -8.68
C ALA A 273 -20.43 6.96 -9.18
N ASN A 274 -19.28 6.46 -8.74
CA ASN A 274 -18.55 5.33 -9.36
C ASN A 274 -18.25 4.17 -8.41
N SER A 275 -18.13 4.54 -7.15
CA SER A 275 -17.64 3.65 -6.23
C SER A 275 -18.62 2.54 -6.16
N SER A 276 -18.40 1.43 -6.85
CA SER A 276 -19.23 0.28 -6.52
C SER A 276 -18.91 0.03 -5.03
N LYS A 277 -19.95 0.03 -4.17
CA LYS A 277 -19.75 -0.26 -2.74
C LYS A 277 -20.89 -1.13 -2.20
N PRO A 278 -20.74 -2.46 -2.38
CA PRO A 278 -21.58 -3.54 -1.82
C PRO A 278 -21.75 -3.36 -0.30
O12 XU2 B . -0.41 -12.85 -4.14
C8 XU2 B . 0.26 -12.58 -3.22
C7 XU2 B . 1.63 -12.14 -3.25
C6 XU2 B . 2.34 -11.98 -4.40
C5 XU2 B . 3.63 -11.50 -4.44
C1 XU2 B . 4.22 -11.18 -3.24
C2 XU2 B . 3.49 -11.39 -2.09
C3 XU2 B . 2.19 -11.83 -2.08
C4 XU2 B . 1.39 -12.02 -0.91
N1 XU2 B . -0.43 -12.75 -2.15
C9 XU2 B . 0.12 -12.49 -0.96
N2 XU2 B . -0.70 -12.74 0.07
C10 XU2 B . -0.18 -12.57 1.25
C11 XU2 B . 1.08 -12.13 1.42
C12 XU2 B . 1.86 -11.87 0.32
N3 XU2 B . 3.11 -11.35 0.45
C13 XU2 B . 3.39 -10.34 1.41
C14 XU2 B . 2.75 -9.12 1.61
C15 XU2 B . 3.18 -8.30 2.68
C18 XU2 B . 4.42 -10.69 2.27
C17 XU2 B . 4.82 -9.92 3.32
C16 XU2 B . 4.19 -8.71 3.54
N4 XU2 B . 4.74 -8.02 4.66
C19 XU2 B . 5.85 -8.32 5.55
O38 XU2 B . 6.99 -8.90 5.42
C20 XU2 B . 5.50 -7.62 6.82
C21 XU2 B . 6.51 -7.13 7.68
C22 XU2 B . 6.20 -6.39 8.82
C23 XU2 B . 4.86 -6.17 9.07
C24 XU2 B . 3.85 -6.64 8.23
C25 XU2 B . 4.14 -7.35 7.07
#